data_1Y07
#
_entry.id   1Y07
#
_cell.length_a   119.311
_cell.length_b   59.946
_cell.length_c   65.520
_cell.angle_alpha   90.00
_cell.angle_beta   104.96
_cell.angle_gamma   90.00
#
_symmetry.space_group_name_H-M   'C 1 2 1'
#
loop_
_entity.id
_entity.type
_entity.pdbx_description
1 polymer 'desulfoferrodoxin (rbo)'
2 non-polymer 'FE (III) ION'
3 non-polymer 'MAGNESIUM ION'
4 water water
#
_entity_poly.entity_id   1
_entity_poly.type   'polypeptide(L)'
_entity_poly.pdbx_seq_one_letter_code
;MGRELSFFLQKESAGFFLGMDAPAGSSVACGSEVLRAVPVGTVDAAKEKHIPVVEVHGHEVKVKVGSVAHPMTPEHYIAW
VCLKTRKGIQLKELPVDGAPEVTFALTADDQVLEAYEFCNLHGVWSGK
;
_entity_poly.pdbx_strand_id   A,B,C,D
#
loop_
_chem_comp.id
_chem_comp.type
_chem_comp.name
_chem_comp.formula
FE non-polymer 'FE (III) ION' 'Fe 3'
MG non-polymer 'MAGNESIUM ION' 'Mg 2'
#
# COMPACT_ATOMS: atom_id res chain seq x y z
N ARG A 3 -2.56 -7.70 11.92
CA ARG A 3 -3.37 -7.74 13.18
C ARG A 3 -4.07 -6.40 13.44
N GLU A 4 -5.15 -6.42 14.19
CA GLU A 4 -5.66 -5.18 14.76
C GLU A 4 -4.83 -4.80 16.00
N LEU A 5 -4.44 -3.54 16.02
CA LEU A 5 -3.63 -2.94 17.06
C LEU A 5 -4.48 -2.22 18.07
N SER A 6 -4.09 -2.36 19.31
CA SER A 6 -4.77 -1.66 20.42
C SER A 6 -3.66 -1.16 21.35
N PHE A 7 -4.00 -0.16 22.11
CA PHE A 7 -3.05 0.54 22.97
C PHE A 7 -3.56 0.65 24.36
N PHE A 8 -2.78 0.16 25.30
CA PHE A 8 -3.12 0.21 26.74
C PHE A 8 -2.06 1.13 27.42
N LEU A 9 -2.48 2.25 27.92
CA LEU A 9 -1.49 3.26 28.27
C LEU A 9 -1.48 3.63 29.75
N GLN A 10 -0.40 3.25 30.42
CA GLN A 10 -0.15 3.56 31.82
C GLN A 10 0.14 5.04 32.02
N PHE A 16 4.16 1.46 27.87
CA PHE A 16 2.89 1.28 27.15
C PHE A 16 2.69 -0.25 27.11
N PHE A 17 1.48 -0.70 26.80
CA PHE A 17 1.30 -2.03 26.22
C PHE A 17 0.67 -1.89 24.84
N LEU A 18 1.09 -2.75 23.92
CA LEU A 18 0.57 -2.82 22.58
C LEU A 18 -0.14 -4.15 22.46
N GLY A 19 -1.39 -4.13 22.00
CA GLY A 19 -2.11 -5.35 21.73
C GLY A 19 -2.24 -5.65 20.28
N MET A 20 -2.11 -6.93 19.94
CA MET A 20 -2.22 -7.45 18.58
C MET A 20 -3.32 -8.49 18.66
N ASP A 21 -4.44 -8.20 17.99
CA ASP A 21 -5.66 -9.01 18.06
C ASP A 21 -6.13 -9.25 19.47
N ALA A 22 -6.09 -8.21 20.28
CA ALA A 22 -6.61 -8.31 21.62
C ALA A 22 -8.14 -8.35 21.61
N PRO A 23 -8.72 -9.27 22.38
CA PRO A 23 -10.17 -9.33 22.51
C PRO A 23 -10.68 -8.02 23.08
N ALA A 24 -11.86 -7.59 22.60
CA ALA A 24 -12.54 -6.48 23.20
C ALA A 24 -12.64 -6.78 24.69
N GLY A 25 -12.51 -5.76 25.50
CA GLY A 25 -12.68 -6.01 26.91
C GLY A 25 -11.47 -6.60 27.61
N SER A 26 -10.35 -6.75 26.91
CA SER A 26 -9.08 -7.09 27.57
C SER A 26 -8.74 -5.99 28.56
N SER A 27 -8.08 -6.37 29.64
CA SER A 27 -7.50 -5.38 30.52
C SER A 27 -6.11 -5.80 30.96
N VAL A 28 -5.30 -4.82 31.29
CA VAL A 28 -3.96 -5.07 31.75
C VAL A 28 -3.78 -4.58 33.18
N ALA A 29 -3.42 -5.48 34.08
CA ALA A 29 -2.94 -5.07 35.42
C ALA A 29 -1.45 -4.72 35.31
N CYS A 30 -1.16 -3.42 35.29
CA CYS A 30 0.16 -2.91 35.03
C CYS A 30 0.63 -2.47 36.37
N GLY A 31 1.27 -3.40 37.08
CA GLY A 31 1.53 -3.20 38.48
C GLY A 31 0.18 -3.12 39.16
N SER A 32 -0.06 -2.00 39.83
CA SER A 32 -1.33 -1.75 40.53
C SER A 32 -2.31 -0.89 39.71
N GLU A 33 -1.97 -0.55 38.47
CA GLU A 33 -2.85 0.17 37.56
C GLU A 33 -3.68 -0.88 36.78
N VAL A 34 -4.90 -0.54 36.36
CA VAL A 34 -5.57 -1.35 35.31
C VAL A 34 -5.74 -0.52 34.03
N LEU A 35 -5.42 -1.11 32.89
CA LEU A 35 -5.44 -0.39 31.60
C LEU A 35 -6.43 -1.10 30.67
N ARG A 36 -7.30 -0.34 30.00
CA ARG A 36 -8.10 -0.86 28.91
C ARG A 36 -7.72 -0.15 27.57
N ALA A 37 -8.18 -0.71 26.45
CA ALA A 37 -7.78 -0.17 25.16
C ALA A 37 -8.30 1.24 25.03
N VAL A 38 -7.47 2.14 24.55
CA VAL A 38 -7.90 3.49 24.38
C VAL A 38 -8.66 3.61 23.04
N PRO A 39 -9.75 4.33 23.05
CA PRO A 39 -10.43 4.64 21.79
C PRO A 39 -9.46 5.38 20.83
N VAL A 40 -9.57 5.09 19.53
CA VAL A 40 -8.75 5.78 18.52
C VAL A 40 -9.59 6.80 17.78
N GLY A 41 -9.16 8.06 17.84
CA GLY A 41 -9.81 9.14 17.14
C GLY A 41 -11.11 9.63 17.79
N THR A 42 -11.29 9.41 19.09
CA THR A 42 -12.51 9.78 19.80
C THR A 42 -12.12 10.63 21.02
N VAL A 43 -11.39 11.71 20.77
CA VAL A 43 -11.29 12.77 21.76
C VAL A 43 -11.69 14.03 21.05
N ASP A 44 -12.44 14.89 21.76
CA ASP A 44 -12.84 16.13 21.19
C ASP A 44 -11.63 17.07 21.15
N ALA A 45 -10.88 16.98 20.06
CA ALA A 45 -9.65 17.77 19.88
C ALA A 45 -9.44 18.02 18.39
N ALA A 46 -8.58 18.96 18.05
CA ALA A 46 -8.38 19.39 16.65
C ALA A 46 -7.73 18.29 15.82
N LYS A 47 -8.42 17.86 14.79
CA LYS A 47 -7.91 16.84 13.88
C LYS A 47 -6.67 17.29 13.12
N GLU A 48 -6.56 18.59 12.84
CA GLU A 48 -5.48 19.15 12.06
C GLU A 48 -4.16 19.08 12.81
N LYS A 49 -4.22 19.01 14.14
CA LYS A 49 -3.05 18.91 14.93
C LYS A 49 -2.80 17.49 15.41
N HIS A 50 -3.77 16.57 15.23
CA HIS A 50 -3.64 15.23 15.85
C HIS A 50 -3.56 14.08 14.84
N ILE A 51 -4.20 14.20 13.69
CA ILE A 51 -4.21 13.06 12.74
C ILE A 51 -2.82 12.99 12.13
N PRO A 52 -2.17 11.84 12.21
CA PRO A 52 -0.81 11.76 11.67
C PRO A 52 -0.83 11.79 10.12
N VAL A 53 0.14 12.50 9.55
CA VAL A 53 0.33 12.63 8.11
C VAL A 53 1.57 11.82 7.76
N VAL A 54 1.44 10.99 6.74
CA VAL A 54 2.42 9.98 6.39
C VAL A 54 2.99 10.30 5.04
N GLU A 55 4.31 10.35 4.96
CA GLU A 55 5.02 10.64 3.74
C GLU A 55 6.07 9.53 3.53
N VAL A 56 6.16 9.01 2.34
CA VAL A 56 7.10 7.93 2.02
C VAL A 56 8.17 8.48 1.12
N HIS A 57 9.43 8.29 1.50
CA HIS A 57 10.55 8.60 0.66
C HIS A 57 11.50 7.43 0.57
N GLY A 58 11.39 6.74 -0.53
CA GLY A 58 12.05 5.50 -0.74
C GLY A 58 11.70 4.48 0.32
N HIS A 59 12.69 4.09 1.12
CA HIS A 59 12.47 3.11 2.18
C HIS A 59 12.18 3.76 3.54
N GLU A 60 12.15 5.07 3.60
CA GLU A 60 11.78 5.80 4.79
C GLU A 60 10.38 6.36 4.76
N VAL A 61 9.74 6.28 5.93
CA VAL A 61 8.37 6.79 6.16
C VAL A 61 8.45 7.80 7.26
N LYS A 62 8.12 9.04 6.93
CA LYS A 62 8.09 10.14 7.87
C LYS A 62 6.67 10.38 8.30
N VAL A 63 6.43 10.42 9.62
CA VAL A 63 5.16 10.73 10.14
C VAL A 63 5.24 12.09 10.85
N LYS A 64 4.38 13.00 10.46
CA LYS A 64 4.21 14.32 11.05
C LYS A 64 2.91 14.38 11.83
N VAL A 65 2.93 14.99 12.99
CA VAL A 65 1.73 15.17 13.77
C VAL A 65 1.48 16.66 13.98
N GLY A 66 0.47 17.27 13.36
CA GLY A 66 -0.30 16.68 12.29
C GLY A 66 -0.14 17.48 11.01
N SER A 67 -1.21 17.79 10.32
CA SER A 67 -1.15 18.67 9.15
C SER A 67 -0.49 19.99 9.57
N VAL A 68 -0.87 20.46 10.74
CA VAL A 68 -0.13 21.56 11.38
C VAL A 68 0.56 21.01 12.62
N ALA A 69 1.76 21.49 12.90
CA ALA A 69 2.60 20.90 13.89
C ALA A 69 1.98 21.03 15.30
N HIS A 70 1.87 19.89 15.96
CA HIS A 70 1.37 19.83 17.32
C HIS A 70 2.40 20.34 18.30
N PRO A 71 1.99 20.93 19.40
CA PRO A 71 2.95 21.26 20.47
C PRO A 71 3.82 20.13 20.91
N MET A 72 5.05 20.49 21.24
CA MET A 72 5.98 19.62 21.93
C MET A 72 6.58 20.38 23.11
N THR A 73 5.83 20.32 24.21
CA THR A 73 6.19 21.02 25.47
C THR A 73 6.06 20.00 26.59
N PRO A 74 6.66 20.25 27.76
CA PRO A 74 6.53 19.30 28.87
C PRO A 74 5.08 19.00 29.28
N GLU A 75 4.16 19.96 29.10
CA GLU A 75 2.77 19.75 29.50
C GLU A 75 1.88 19.12 28.39
N HIS A 76 2.31 19.22 27.14
CA HIS A 76 1.43 18.87 26.03
C HIS A 76 2.32 18.46 24.85
N TYR A 77 2.33 17.18 24.57
CA TYR A 77 3.30 16.58 23.67
C TYR A 77 2.77 15.30 23.00
N ILE A 78 3.34 15.00 21.83
CA ILE A 78 3.21 13.69 21.20
C ILE A 78 4.29 12.78 21.82
N ALA A 79 3.83 11.76 22.53
CA ALA A 79 4.66 10.82 23.22
C ALA A 79 5.31 9.77 22.30
N TRP A 80 4.56 9.30 21.31
CA TRP A 80 5.04 8.25 20.42
C TRP A 80 4.21 8.20 19.16
N VAL A 81 4.82 7.61 18.12
CA VAL A 81 4.13 7.22 16.89
C VAL A 81 4.36 5.71 16.67
N CYS A 82 3.27 5.00 16.29
CA CYS A 82 3.30 3.61 15.91
C CYS A 82 2.98 3.50 14.42
N LEU A 83 3.73 2.68 13.72
CA LEU A 83 3.50 2.42 12.34
C LEU A 83 3.13 0.95 12.13
N LYS A 84 2.04 0.72 11.41
CA LYS A 84 1.64 -0.56 10.91
C LYS A 84 2.04 -0.65 9.45
N THR A 85 2.71 -1.71 9.08
CA THR A 85 3.13 -1.94 7.72
C THR A 85 2.63 -3.30 7.31
N ARG A 86 2.78 -3.63 6.03
CA ARG A 86 2.39 -4.92 5.56
C ARG A 86 3.09 -6.04 6.34
N LYS A 87 4.37 -5.83 6.66
CA LYS A 87 5.21 -6.90 7.20
C LYS A 87 5.33 -6.86 8.69
N GLY A 88 4.91 -5.79 9.34
CA GLY A 88 5.14 -5.70 10.77
C GLY A 88 4.65 -4.41 11.39
N ILE A 89 5.15 -4.15 12.59
CA ILE A 89 4.80 -2.99 13.37
C ILE A 89 6.10 -2.32 13.88
N GLN A 90 6.00 -1.02 14.07
CA GLN A 90 7.03 -0.22 14.71
C GLN A 90 6.46 0.80 15.67
N LEU A 91 7.26 1.13 16.67
CA LEU A 91 6.90 2.19 17.60
C LEU A 91 8.16 2.94 18.03
N LYS A 92 8.08 4.27 17.92
CA LYS A 92 9.13 5.16 18.38
C LYS A 92 8.58 6.22 19.25
N GLU A 93 9.18 6.40 20.41
CA GLU A 93 8.90 7.53 21.23
C GLU A 93 9.54 8.80 20.67
N LEU A 94 8.92 9.94 20.90
CA LEU A 94 9.43 11.21 20.43
C LEU A 94 10.07 11.93 21.59
N PRO A 95 11.28 12.44 21.42
CA PRO A 95 11.80 13.34 22.47
C PRO A 95 10.93 14.58 22.65
N VAL A 96 10.62 14.93 23.90
CA VAL A 96 9.71 16.02 24.21
C VAL A 96 10.21 17.38 23.78
N ASP A 97 11.53 17.55 23.68
CA ASP A 97 12.10 18.81 23.17
C ASP A 97 12.42 18.85 21.69
N GLY A 98 11.92 17.89 20.93
CA GLY A 98 12.09 17.92 19.49
C GLY A 98 10.85 18.36 18.75
N ALA A 99 10.83 18.05 17.47
CA ALA A 99 9.70 18.33 16.58
C ALA A 99 8.66 17.19 16.68
N PRO A 100 7.39 17.46 16.35
CA PRO A 100 6.35 16.42 16.33
C PRO A 100 6.35 15.59 15.07
N GLU A 101 7.47 14.93 14.90
CA GLU A 101 7.69 14.06 13.75
C GLU A 101 8.75 13.04 14.04
N VAL A 102 8.64 11.93 13.37
CA VAL A 102 9.62 10.89 13.45
C VAL A 102 9.60 10.07 12.16
N THR A 103 10.74 9.48 11.85
CA THR A 103 10.94 8.64 10.67
C THR A 103 11.20 7.17 11.04
N PHE A 104 10.62 6.30 10.22
CA PHE A 104 10.83 4.88 10.30
C PHE A 104 11.46 4.41 8.99
N ALA A 105 12.18 3.31 9.08
CA ALA A 105 12.74 2.65 7.90
C ALA A 105 12.14 1.28 7.67
N LEU A 106 11.86 1.01 6.39
CA LEU A 106 11.29 -0.24 5.89
C LEU A 106 12.22 -1.00 5.04
N THR A 107 12.08 -2.31 5.07
CA THR A 107 12.75 -3.21 4.10
C THR A 107 12.09 -3.09 2.75
N ALA A 108 12.81 -3.51 1.68
CA ALA A 108 12.24 -3.26 0.37
C ALA A 108 10.95 -3.99 0.03
N ASP A 109 10.70 -5.08 0.73
CA ASP A 109 9.50 -5.93 0.59
C ASP A 109 8.29 -5.41 1.38
N ASP A 110 8.50 -4.35 2.14
CA ASP A 110 7.47 -3.80 3.00
C ASP A 110 6.82 -2.56 2.41
N GLN A 111 5.69 -2.19 2.98
CA GLN A 111 4.94 -1.01 2.59
C GLN A 111 4.17 -0.54 3.76
N VAL A 112 4.12 0.78 3.96
CA VAL A 112 3.31 1.35 5.01
C VAL A 112 1.80 1.11 4.84
N LEU A 113 1.10 0.93 5.93
CA LEU A 113 -0.37 0.83 5.96
C LEU A 113 -1.01 1.99 6.72
N GLU A 114 -0.63 2.23 7.97
CA GLU A 114 -1.34 3.19 8.78
C GLU A 114 -0.45 3.62 9.93
N ALA A 115 -0.64 4.85 10.37
CA ALA A 115 0.07 5.35 11.53
C ALA A 115 -0.84 5.72 12.65
N TYR A 116 -0.32 5.66 13.86
CA TYR A 116 -1.04 6.04 15.06
C TYR A 116 -0.13 6.94 15.87
N GLU A 117 -0.70 7.93 16.60
CA GLU A 117 0.13 8.76 17.48
C GLU A 117 -0.67 8.95 18.77
N PHE A 118 0.05 9.09 19.89
CA PHE A 118 -0.56 9.39 21.19
C PHE A 118 -0.11 10.78 21.63
N CYS A 119 -1.08 11.66 21.85
CA CYS A 119 -0.92 12.92 22.57
C CYS A 119 -1.27 12.68 24.06
N ASN A 120 -0.39 13.13 24.96
CA ASN A 120 -0.59 12.91 26.40
C ASN A 120 -1.90 13.44 26.90
N LEU A 121 -2.48 14.43 26.24
CA LEU A 121 -3.76 15.01 26.64
C LEU A 121 -4.95 14.57 25.79
N HIS A 122 -4.70 14.31 24.52
CA HIS A 122 -5.76 14.13 23.52
C HIS A 122 -5.89 12.76 22.92
N GLY A 123 -5.21 11.79 23.53
CA GLY A 123 -5.40 10.39 23.18
C GLY A 123 -4.68 9.93 21.90
N VAL A 124 -5.18 8.79 21.40
CA VAL A 124 -4.62 8.17 20.23
C VAL A 124 -5.42 8.54 18.97
N TRP A 125 -4.68 8.79 17.90
CA TRP A 125 -5.26 9.14 16.62
C TRP A 125 -4.59 8.34 15.52
N SER A 126 -5.35 7.94 14.50
CA SER A 126 -4.75 7.23 13.36
C SER A 126 -4.85 8.01 12.05
N GLY A 127 -4.03 7.65 11.10
CA GLY A 127 -4.18 8.21 9.78
C GLY A 127 -3.30 7.46 8.80
N LYS A 128 -3.61 7.67 7.54
CA LYS A 128 -2.91 7.01 6.46
C LYS A 128 -2.23 8.02 5.52
N GLY B 2 15.64 1.03 31.43
CA GLY B 2 16.11 -0.16 30.67
C GLY B 2 15.27 -0.37 29.43
N ARG B 3 14.14 0.34 29.35
CA ARG B 3 13.07 0.13 28.34
C ARG B 3 12.81 -1.36 28.14
N GLU B 4 12.36 -1.99 29.21
CA GLU B 4 12.30 -3.42 29.31
C GLU B 4 11.05 -3.96 28.62
N LEU B 5 11.24 -4.91 27.72
CA LEU B 5 10.16 -5.56 26.98
C LEU B 5 9.62 -6.80 27.71
N SER B 6 8.30 -6.92 27.79
CA SER B 6 7.65 -8.10 28.24
C SER B 6 6.64 -8.54 27.19
N PHE B 7 6.31 -9.83 27.24
CA PHE B 7 5.44 -10.47 26.26
C PHE B 7 4.41 -11.28 26.97
N PHE B 8 3.18 -11.13 26.53
CA PHE B 8 2.02 -11.81 27.12
C PHE B 8 1.27 -12.45 25.95
N LEU B 9 1.12 -13.77 25.96
CA LEU B 9 0.64 -14.51 24.79
C LEU B 9 -0.60 -15.33 25.11
N GLN B 10 -1.64 -15.16 24.29
CA GLN B 10 -2.89 -15.96 24.40
C GLN B 10 -2.67 -17.41 24.02
N ALA B 14 -3.01 -16.87 18.71
CA ALA B 14 -4.24 -16.07 18.88
C ALA B 14 -3.96 -14.59 19.20
N GLY B 15 -2.77 -14.09 18.89
CA GLY B 15 -2.44 -12.72 19.26
C GLY B 15 -1.76 -12.63 20.62
N PHE B 16 -1.41 -11.40 21.01
CA PHE B 16 -0.56 -11.21 22.14
C PHE B 16 -0.44 -9.74 22.46
N PHE B 17 0.28 -9.49 23.55
CA PHE B 17 0.57 -8.15 24.01
C PHE B 17 2.04 -7.97 24.23
N LEU B 18 2.50 -6.78 23.89
CA LEU B 18 3.88 -6.35 24.15
C LEU B 18 3.82 -5.25 25.21
N GLY B 19 4.50 -5.45 26.32
CA GLY B 19 4.61 -4.44 27.36
C GLY B 19 5.96 -3.73 27.36
N MET B 20 5.91 -2.42 27.51
CA MET B 20 7.13 -1.62 27.65
C MET B 20 7.17 -1.06 29.08
N ASP B 21 8.19 -1.48 29.84
CA ASP B 21 8.36 -1.12 31.26
C ASP B 21 7.17 -1.50 32.09
N ALA B 22 6.61 -2.66 31.78
CA ALA B 22 5.62 -3.29 32.65
C ALA B 22 6.26 -3.50 34.03
N PRO B 23 5.57 -3.06 35.05
CA PRO B 23 5.92 -3.42 36.42
C PRO B 23 5.89 -4.93 36.65
N ALA B 24 6.81 -5.45 37.47
CA ALA B 24 6.94 -6.86 37.87
C ALA B 24 5.61 -7.40 38.27
N GLY B 25 5.32 -8.62 37.81
CA GLY B 25 4.03 -9.24 38.13
C GLY B 25 2.79 -8.70 37.37
N SER B 26 2.98 -7.81 36.40
CA SER B 26 1.86 -7.35 35.59
C SER B 26 1.21 -8.55 34.91
N SER B 27 -0.06 -8.40 34.56
CA SER B 27 -0.81 -9.40 33.82
C SER B 27 -1.92 -8.79 32.94
N VAL B 28 -2.42 -9.62 32.03
CA VAL B 28 -3.46 -9.24 31.09
C VAL B 28 -4.57 -10.24 31.20
N ALA B 29 -5.78 -9.74 31.41
CA ALA B 29 -6.96 -10.58 31.48
C ALA B 29 -7.57 -10.51 30.09
N CYS B 30 -7.74 -11.64 29.44
CA CYS B 30 -8.12 -11.60 28.03
C CYS B 30 -8.86 -12.91 27.69
N GLY B 31 -10.20 -12.81 27.69
CA GLY B 31 -11.09 -13.97 27.77
C GLY B 31 -11.16 -14.30 29.25
N SER B 32 -11.26 -15.58 29.61
CA SER B 32 -10.65 -15.98 30.88
C SER B 32 -9.41 -16.83 30.65
N GLU B 33 -8.43 -16.18 30.05
CA GLU B 33 -7.05 -16.45 30.39
C GLU B 33 -6.70 -15.26 31.30
N VAL B 34 -5.81 -15.48 32.24
CA VAL B 34 -4.96 -14.40 32.78
C VAL B 34 -3.57 -14.68 32.22
N LEU B 35 -3.01 -13.72 31.49
CA LEU B 35 -1.73 -13.93 30.83
C LEU B 35 -0.68 -13.26 31.73
N ARG B 36 0.41 -13.97 31.99
CA ARG B 36 1.55 -13.42 32.72
C ARG B 36 2.72 -13.24 31.76
N ALA B 37 3.68 -12.39 32.14
CA ALA B 37 4.85 -12.21 31.29
C ALA B 37 5.56 -13.54 31.14
N VAL B 38 5.74 -13.96 29.89
CA VAL B 38 6.47 -15.20 29.62
C VAL B 38 7.97 -15.02 29.95
N PRO B 39 8.65 -16.05 30.44
CA PRO B 39 10.10 -15.91 30.63
C PRO B 39 10.84 -15.98 29.30
N VAL B 40 12.06 -15.49 29.29
CA VAL B 40 12.97 -15.79 28.19
C VAL B 40 13.68 -17.10 28.53
N GLY B 41 13.91 -17.96 27.54
CA GLY B 41 14.56 -19.24 27.77
C GLY B 41 15.99 -19.08 28.29
N ASP B 44 20.37 -24.71 28.20
CA ASP B 44 21.52 -24.70 27.32
C ASP B 44 21.21 -25.42 26.02
N ALA B 45 20.67 -26.63 26.13
CA ALA B 45 20.44 -27.49 24.95
C ALA B 45 19.46 -26.90 23.93
N ALA B 46 18.52 -26.08 24.39
CA ALA B 46 17.62 -25.36 23.49
C ALA B 46 18.25 -24.10 22.82
N LYS B 47 19.42 -23.67 23.33
CA LYS B 47 20.08 -22.41 22.89
C LYS B 47 20.39 -22.39 21.42
N GLU B 48 20.89 -23.51 20.90
CA GLU B 48 21.36 -23.59 19.50
C GLU B 48 20.26 -23.28 18.47
N LYS B 49 19.06 -23.82 18.70
CA LYS B 49 17.96 -23.66 17.75
C LYS B 49 17.08 -22.45 18.10
N HIS B 50 17.34 -21.77 19.23
CA HIS B 50 16.40 -20.72 19.69
C HIS B 50 16.95 -19.32 19.94
N ILE B 51 18.23 -19.17 20.30
CA ILE B 51 18.80 -17.81 20.49
C ILE B 51 18.95 -17.06 19.15
N PRO B 52 18.36 -15.87 19.03
CA PRO B 52 18.46 -15.07 17.82
C PRO B 52 19.89 -14.57 17.59
N VAL B 53 20.37 -14.74 16.36
CA VAL B 53 21.63 -14.21 15.90
C VAL B 53 21.34 -12.96 15.12
N VAL B 54 22.03 -11.87 15.49
CA VAL B 54 21.84 -10.56 14.86
C VAL B 54 23.03 -10.22 13.95
N GLU B 55 22.72 -9.77 12.74
CA GLU B 55 23.75 -9.47 11.73
C GLU B 55 23.39 -8.14 11.08
N VAL B 56 24.18 -7.13 11.39
CA VAL B 56 23.94 -5.79 10.89
C VAL B 56 24.77 -5.52 9.67
N HIS B 57 24.13 -4.90 8.70
CA HIS B 57 24.82 -4.28 7.63
C HIS B 57 24.13 -2.96 7.40
N GLY B 58 24.85 -1.88 7.69
CA GLY B 58 24.30 -0.55 7.46
C GLY B 58 23.11 -0.34 8.29
N HIS B 59 22.01 -0.07 7.62
CA HIS B 59 20.81 0.34 8.33
C HIS B 59 19.87 -0.85 8.28
N GLU B 60 20.31 -2.06 7.93
CA GLU B 60 19.51 -3.26 8.00
C GLU B 60 20.08 -4.25 9.02
N VAL B 61 19.15 -4.96 9.66
CA VAL B 61 19.47 -5.90 10.74
C VAL B 61 18.76 -7.17 10.40
N LYS B 62 19.50 -8.23 10.12
CA LYS B 62 18.93 -9.53 9.83
C LYS B 62 18.97 -10.32 11.11
N VAL B 63 17.86 -10.94 11.45
CA VAL B 63 17.81 -11.78 12.63
C VAL B 63 17.56 -13.24 12.23
N LYS B 64 18.44 -14.14 12.64
CA LYS B 64 18.35 -15.57 12.26
C LYS B 64 18.14 -16.43 13.51
N VAL B 65 17.20 -17.38 13.47
CA VAL B 65 16.84 -18.15 14.66
C VAL B 65 17.39 -19.52 14.37
N GLY B 66 18.46 -19.79 15.12
CA GLY B 66 19.59 -20.48 14.61
C GLY B 66 20.93 -19.78 14.40
N SER B 67 21.86 -20.02 15.34
CA SER B 67 23.26 -20.18 14.94
C SER B 67 23.30 -21.37 13.95
N VAL B 68 22.43 -22.35 14.20
CA VAL B 68 21.89 -23.15 13.11
C VAL B 68 20.30 -23.10 13.08
N ALA B 69 19.70 -23.33 11.90
CA ALA B 69 18.26 -23.08 11.69
C ALA B 69 17.26 -23.91 12.53
N HIS B 70 16.32 -23.18 13.12
CA HIS B 70 15.14 -23.73 13.79
C HIS B 70 14.11 -24.20 12.77
N PRO B 71 13.35 -25.22 13.13
CA PRO B 71 12.19 -25.66 12.34
C PRO B 71 11.19 -24.54 11.99
N MET B 72 10.72 -24.59 10.76
CA MET B 72 9.61 -23.80 10.32
C MET B 72 8.57 -24.73 9.66
N THR B 73 7.81 -25.42 10.52
CA THR B 73 6.71 -26.32 10.14
C THR B 73 5.42 -25.91 10.85
N PRO B 74 4.26 -26.40 10.38
CA PRO B 74 3.00 -25.98 11.02
C PRO B 74 2.90 -26.36 12.51
N GLU B 75 3.58 -27.41 12.93
CA GLU B 75 3.48 -27.89 14.33
C GLU B 75 4.53 -27.27 15.25
N HIS B 76 5.63 -26.84 14.64
CA HIS B 76 6.79 -26.27 15.32
C HIS B 76 7.46 -25.20 14.46
N TYR B 77 7.32 -23.95 14.88
CA TYR B 77 7.75 -22.81 14.07
C TYR B 77 8.14 -21.60 14.92
N ILE B 78 8.94 -20.70 14.33
CA ILE B 78 9.16 -19.36 14.91
C ILE B 78 8.05 -18.43 14.42
N ALA B 79 7.33 -17.87 15.36
CA ALA B 79 6.13 -17.07 15.08
C ALA B 79 6.48 -15.66 14.69
N TRP B 80 7.42 -15.07 15.40
CA TRP B 80 7.75 -13.66 15.21
C TRP B 80 9.11 -13.36 15.82
N VAL B 81 9.68 -12.23 15.43
CA VAL B 81 10.90 -11.69 15.97
C VAL B 81 10.60 -10.23 16.30
N CYS B 82 11.04 -9.80 17.46
CA CYS B 82 10.92 -8.42 17.94
C CYS B 82 12.34 -7.85 18.08
N LEU B 83 12.53 -6.61 17.68
CA LEU B 83 13.79 -5.91 17.78
C LEU B 83 13.61 -4.71 18.62
N LYS B 84 14.42 -4.60 19.66
CA LYS B 84 14.48 -3.37 20.39
C LYS B 84 15.71 -2.61 19.88
N THR B 85 15.54 -1.34 19.56
CA THR B 85 16.61 -0.46 19.13
C THR B 85 16.65 0.73 20.08
N ARG B 86 17.66 1.57 19.88
CA ARG B 86 17.82 2.77 20.70
C ARG B 86 16.60 3.68 20.61
N LYS B 87 16.07 3.81 19.40
CA LYS B 87 14.97 4.77 19.11
C LYS B 87 13.58 4.19 19.20
N GLY B 88 13.47 2.87 19.20
CA GLY B 88 12.18 2.22 19.19
C GLY B 88 12.16 0.72 19.24
N ILE B 89 11.04 0.15 18.78
CA ILE B 89 10.82 -1.30 18.76
C ILE B 89 10.20 -1.63 17.41
N GLN B 90 10.41 -2.87 16.97
CA GLN B 90 9.77 -3.43 15.80
C GLN B 90 9.37 -4.87 16.06
N LEU B 91 8.34 -5.33 15.38
CA LEU B 91 7.98 -6.71 15.44
C LEU B 91 7.48 -7.14 14.08
N LYS B 92 8.00 -8.26 13.61
CA LYS B 92 7.51 -8.87 12.38
C LYS B 92 7.21 -10.33 12.62
N GLU B 93 6.04 -10.75 12.16
CA GLU B 93 5.71 -12.17 12.15
C GLU B 93 6.46 -12.84 11.00
N LEU B 94 6.84 -14.08 11.17
CA LEU B 94 7.53 -14.84 10.12
C LEU B 94 6.55 -15.78 9.34
N PRO B 95 6.58 -15.78 8.00
CA PRO B 95 5.80 -16.76 7.21
C PRO B 95 6.23 -18.15 7.61
N VAL B 96 5.26 -18.99 7.97
CA VAL B 96 5.54 -20.32 8.56
C VAL B 96 6.28 -21.24 7.57
N ASP B 97 6.06 -20.98 6.27
CA ASP B 97 6.71 -21.79 5.23
C ASP B 97 7.98 -21.17 4.61
N GLY B 98 8.52 -20.16 5.26
CA GLY B 98 9.77 -19.54 4.87
C GLY B 98 10.87 -19.97 5.80
N ALA B 99 11.96 -19.21 5.79
CA ALA B 99 13.10 -19.54 6.64
C ALA B 99 12.90 -18.91 8.02
N PRO B 100 13.65 -19.39 9.01
CA PRO B 100 13.57 -18.82 10.35
C PRO B 100 14.44 -17.58 10.43
N GLU B 101 14.15 -16.59 9.59
CA GLU B 101 14.90 -15.33 9.59
C GLU B 101 14.03 -14.20 9.09
N VAL B 102 14.37 -13.00 9.50
CA VAL B 102 13.67 -11.79 9.03
C VAL B 102 14.62 -10.60 9.15
N THR B 103 14.40 -9.58 8.34
CA THR B 103 15.23 -8.43 8.37
C THR B 103 14.38 -7.19 8.74
N PHE B 104 14.99 -6.30 9.47
CA PHE B 104 14.41 -5.04 9.86
C PHE B 104 15.28 -3.95 9.28
N ALA B 105 14.70 -2.78 9.02
CA ALA B 105 15.44 -1.59 8.63
C ALA B 105 15.41 -0.50 9.69
N LEU B 106 16.54 0.21 9.85
CA LEU B 106 16.74 1.26 10.82
C LEU B 106 17.00 2.57 10.11
N THR B 107 16.62 3.67 10.73
CA THR B 107 17.04 4.97 10.30
C THR B 107 18.52 5.18 10.71
N ALA B 108 19.15 6.13 10.06
CA ALA B 108 20.59 6.37 10.27
C ALA B 108 20.95 6.72 11.70
N ASP B 109 19.98 7.22 12.46
CA ASP B 109 20.21 7.70 13.81
C ASP B 109 19.95 6.59 14.82
N ASP B 110 19.53 5.43 14.36
CA ASP B 110 19.09 4.34 15.23
C ASP B 110 20.17 3.29 15.27
N GLN B 111 20.20 2.54 16.36
CA GLN B 111 21.12 1.42 16.53
C GLN B 111 20.43 0.28 17.24
N VAL B 112 20.77 -0.95 16.89
CA VAL B 112 20.11 -2.11 17.50
C VAL B 112 20.54 -2.30 18.95
N LEU B 113 19.64 -2.80 19.80
CA LEU B 113 19.98 -3.20 21.19
C LEU B 113 19.83 -4.69 21.45
N GLU B 114 18.71 -5.27 21.05
CA GLU B 114 18.37 -6.65 21.43
C GLU B 114 17.31 -7.22 20.50
N ALA B 115 17.39 -8.51 20.27
CA ALA B 115 16.40 -9.23 19.48
C ALA B 115 15.76 -10.29 20.35
N TYR B 116 14.48 -10.59 20.07
CA TYR B 116 13.64 -11.54 20.80
C TYR B 116 12.89 -12.35 19.76
N GLU B 117 12.79 -13.67 19.95
CA GLU B 117 12.01 -14.55 19.04
C GLU B 117 11.09 -15.43 19.85
N PHE B 118 9.91 -15.71 19.33
CA PHE B 118 8.96 -16.62 19.96
C PHE B 118 8.78 -17.91 19.15
N CYS B 119 9.07 -19.03 19.79
CA CYS B 119 8.76 -20.34 19.22
C CYS B 119 7.43 -20.84 19.82
N ASN B 120 6.57 -21.40 18.99
CA ASN B 120 5.22 -21.74 19.44
C ASN B 120 5.26 -22.86 20.48
N LEU B 121 6.31 -23.66 20.43
CA LEU B 121 6.48 -24.73 21.40
C LEU B 121 7.47 -24.41 22.55
N HIS B 122 8.47 -23.57 22.31
CA HIS B 122 9.54 -23.34 23.30
C HIS B 122 9.55 -21.92 23.92
N GLY B 123 8.62 -21.06 23.51
CA GLY B 123 8.53 -19.74 24.11
C GLY B 123 9.54 -18.67 23.62
N VAL B 124 9.75 -17.63 24.41
CA VAL B 124 10.58 -16.52 23.96
C VAL B 124 12.05 -16.69 24.35
N TRP B 125 12.92 -16.25 23.45
CA TRP B 125 14.38 -16.23 23.58
C TRP B 125 15.01 -14.91 23.11
N SER B 126 15.99 -14.41 23.83
CA SER B 126 16.66 -13.19 23.44
C SER B 126 18.14 -13.33 23.07
N GLY B 127 18.59 -12.46 22.16
CA GLY B 127 19.95 -12.44 21.67
C GLY B 127 20.39 -11.08 21.19
N LYS B 128 21.71 -10.88 21.11
CA LYS B 128 22.30 -9.61 20.66
C LYS B 128 23.26 -9.81 19.49
N MET C 1 -6.29 -0.70 -6.39
CA MET C 1 -7.75 -0.79 -6.46
C MET C 1 -8.17 -2.27 -6.42
N GLY C 2 -9.39 -2.57 -6.92
CA GLY C 2 -9.95 -3.91 -6.86
C GLY C 2 -10.37 -4.52 -8.19
N ARG C 3 -9.75 -4.11 -9.28
CA ARG C 3 -9.96 -4.87 -10.50
C ARG C 3 -8.73 -5.66 -10.85
N GLU C 4 -8.96 -6.85 -11.38
CA GLU C 4 -7.92 -7.60 -12.05
C GLU C 4 -7.64 -7.00 -13.43
N LEU C 5 -6.37 -6.70 -13.69
CA LEU C 5 -5.93 -6.16 -14.92
C LEU C 5 -5.46 -7.21 -15.90
N SER C 6 -5.89 -7.04 -17.16
CA SER C 6 -5.42 -7.88 -18.28
C SER C 6 -5.10 -6.99 -19.46
N PHE C 7 -4.27 -7.54 -20.33
CA PHE C 7 -3.71 -6.77 -21.40
C PHE C 7 -3.80 -7.54 -22.70
N PHE C 8 -4.24 -6.83 -23.77
CA PHE C 8 -4.49 -7.46 -25.07
C PHE C 8 -3.74 -6.58 -26.07
N LEU C 9 -2.74 -7.14 -26.74
CA LEU C 9 -1.74 -6.32 -27.43
C LEU C 9 -1.85 -6.51 -28.90
N GLN C 10 -2.15 -5.43 -29.62
CA GLN C 10 -2.25 -5.50 -31.08
C GLN C 10 -0.87 -5.73 -31.70
N LYS C 11 -0.90 -6.46 -32.81
CA LYS C 11 0.28 -6.73 -33.63
C LYS C 11 0.15 -6.12 -35.04
N GLU C 12 -1.07 -5.98 -35.57
CA GLU C 12 -1.31 -5.32 -36.88
C GLU C 12 -1.31 -3.79 -36.85
N SER C 13 -1.14 -3.25 -35.66
CA SER C 13 -1.18 -1.80 -35.44
C SER C 13 -0.63 -1.58 -34.06
N ALA C 14 -0.37 -0.31 -33.72
CA ALA C 14 0.34 0.07 -32.48
C ALA C 14 -0.62 0.51 -31.34
N GLY C 15 -1.44 -0.39 -30.87
CA GLY C 15 -2.28 -0.06 -29.74
C GLY C 15 -2.52 -1.27 -28.86
N PHE C 16 -3.40 -1.11 -27.90
CA PHE C 16 -3.58 -2.12 -26.91
C PHE C 16 -5.01 -1.98 -26.37
N PHE C 17 -5.44 -2.98 -25.60
CA PHE C 17 -6.69 -2.92 -24.83
C PHE C 17 -6.35 -3.35 -23.43
N LEU C 18 -6.92 -2.63 -22.47
CA LEU C 18 -6.72 -2.90 -21.08
C LEU C 18 -8.06 -3.45 -20.55
N GLY C 19 -8.01 -4.64 -19.98
CA GLY C 19 -9.17 -5.24 -19.36
C GLY C 19 -9.18 -5.08 -17.87
N MET C 20 -10.35 -4.76 -17.34
CA MET C 20 -10.58 -4.58 -15.92
C MET C 20 -11.71 -5.56 -15.52
N ASP C 21 -11.32 -6.55 -14.72
CA ASP C 21 -12.20 -7.77 -14.50
C ASP C 21 -12.72 -8.40 -15.79
N ALA C 22 -11.85 -8.47 -16.78
CA ALA C 22 -12.18 -9.16 -18.03
C ALA C 22 -12.37 -10.66 -17.73
N PRO C 23 -13.45 -11.26 -18.22
CA PRO C 23 -13.58 -12.71 -18.08
C PRO C 23 -12.45 -13.46 -18.69
N ALA C 24 -12.07 -14.58 -18.04
CA ALA C 24 -11.05 -15.46 -18.60
C ALA C 24 -11.57 -15.86 -20.00
N GLY C 25 -10.68 -15.95 -20.98
CA GLY C 25 -11.15 -16.36 -22.28
C GLY C 25 -11.72 -15.24 -23.13
N SER C 26 -11.72 -14.01 -22.64
CA SER C 26 -12.09 -12.87 -23.45
C SER C 26 -11.14 -12.78 -24.63
N SER C 27 -11.69 -12.34 -25.74
CA SER C 27 -10.90 -12.12 -26.93
C SER C 27 -11.33 -10.81 -27.58
N VAL C 28 -10.37 -10.13 -28.17
CA VAL C 28 -10.62 -8.90 -28.88
C VAL C 28 -10.35 -9.15 -30.34
N ALA C 29 -11.33 -8.83 -31.16
CA ALA C 29 -11.20 -8.90 -32.61
C ALA C 29 -10.96 -7.52 -33.16
N CYS C 30 -9.81 -7.31 -33.77
CA CYS C 30 -9.55 -6.00 -34.32
C CYS C 30 -8.82 -6.22 -35.65
N GLY C 31 -9.35 -5.57 -36.67
CA GLY C 31 -8.91 -5.82 -38.01
C GLY C 31 -9.10 -7.27 -38.35
N SER C 32 -8.00 -7.93 -38.71
CA SER C 32 -8.02 -9.32 -39.02
C SER C 32 -7.22 -10.10 -37.96
N GLU C 33 -7.11 -9.57 -36.75
CA GLU C 33 -6.45 -10.32 -35.67
C GLU C 33 -7.39 -10.53 -34.50
N VAL C 34 -7.02 -11.53 -33.72
CA VAL C 34 -7.76 -11.90 -32.55
C VAL C 34 -6.77 -11.97 -31.42
N LEU C 35 -7.04 -11.18 -30.40
CA LEU C 35 -6.17 -11.02 -29.26
C LEU C 35 -6.75 -11.67 -28.00
N ARG C 36 -5.91 -12.40 -27.27
CA ARG C 36 -6.28 -12.92 -25.96
C ARG C 36 -5.32 -12.35 -24.94
N ALA C 37 -5.75 -12.39 -23.69
CA ALA C 37 -4.93 -11.82 -22.60
C ALA C 37 -3.52 -12.40 -22.53
N VAL C 38 -2.52 -11.54 -22.50
CA VAL C 38 -1.13 -11.93 -22.43
C VAL C 38 -0.83 -12.41 -21.04
N PRO C 39 -0.19 -13.57 -20.92
CA PRO C 39 0.22 -14.08 -19.60
C PRO C 39 1.19 -13.12 -18.91
N VAL C 40 1.14 -13.05 -17.59
CA VAL C 40 2.05 -12.17 -16.86
C VAL C 40 3.12 -13.01 -16.20
N GLY C 41 4.38 -12.82 -16.59
CA GLY C 41 5.55 -13.45 -15.94
C GLY C 41 6.27 -14.54 -16.74
N ALA C 46 16.84 -11.11 -17.14
CA ALA C 46 15.87 -12.22 -16.93
C ALA C 46 14.63 -11.69 -16.15
N LYS C 47 14.29 -12.29 -15.00
CA LYS C 47 13.42 -11.59 -14.03
C LYS C 47 14.13 -10.28 -13.63
N GLU C 48 15.47 -10.35 -13.56
CA GLU C 48 16.26 -9.20 -13.18
C GLU C 48 16.06 -7.94 -14.06
N LYS C 49 15.80 -8.14 -15.35
CA LYS C 49 15.66 -6.99 -16.24
C LYS C 49 14.20 -6.80 -16.60
N HIS C 50 13.29 -7.63 -16.07
CA HIS C 50 11.86 -7.45 -16.44
C HIS C 50 10.88 -7.14 -15.32
N ILE C 51 11.14 -7.62 -14.12
CA ILE C 51 10.17 -7.37 -13.05
C ILE C 51 10.29 -5.89 -12.73
N PRO C 52 9.20 -5.13 -12.73
CA PRO C 52 9.29 -3.70 -12.41
C PRO C 52 9.64 -3.47 -10.95
N VAL C 53 10.49 -2.47 -10.72
CA VAL C 53 10.89 -2.03 -9.40
C VAL C 53 10.20 -0.72 -9.12
N VAL C 54 9.54 -0.59 -7.97
CA VAL C 54 8.69 0.52 -7.66
C VAL C 54 9.32 1.30 -6.51
N GLU C 55 9.47 2.60 -6.72
CA GLU C 55 10.07 3.53 -5.73
C GLU C 55 9.07 4.65 -5.49
N VAL C 56 8.77 4.95 -4.26
CA VAL C 56 7.85 6.00 -3.93
C VAL C 56 8.62 7.20 -3.34
N HIS C 57 8.37 8.39 -3.91
CA HIS C 57 8.92 9.61 -3.37
C HIS C 57 7.85 10.67 -3.23
N GLY C 58 7.32 10.78 -2.02
CA GLY C 58 6.19 11.66 -1.74
C GLY C 58 4.98 11.18 -2.53
N HIS C 59 4.54 12.03 -3.44
CA HIS C 59 3.41 11.67 -4.30
C HIS C 59 3.77 11.17 -5.67
N GLU C 60 5.05 10.96 -5.94
CA GLU C 60 5.48 10.33 -7.17
C GLU C 60 5.91 8.89 -6.98
N VAL C 61 5.57 8.07 -7.96
CA VAL C 61 5.95 6.66 -8.00
C VAL C 61 6.77 6.44 -9.28
N LYS C 62 8.05 6.12 -9.12
CA LYS C 62 8.97 5.79 -10.19
C LYS C 62 9.03 4.32 -10.38
N VAL C 63 8.76 3.87 -11.61
CA VAL C 63 8.94 2.50 -11.96
C VAL C 63 10.12 2.32 -12.89
N LYS C 64 11.08 1.49 -12.47
CA LYS C 64 12.20 1.04 -13.27
C LYS C 64 12.03 -0.38 -13.76
N VAL C 65 12.38 -0.63 -15.03
CA VAL C 65 12.36 -1.98 -15.56
C VAL C 65 13.79 -2.40 -15.96
N GLY C 66 14.42 -3.28 -15.22
CA GLY C 66 13.96 -3.86 -13.97
C GLY C 66 14.94 -3.49 -12.88
N SER C 67 15.31 -4.46 -12.08
CA SER C 67 16.35 -4.20 -11.08
C SER C 67 17.66 -3.81 -11.77
N VAL C 68 17.89 -4.41 -12.93
CA VAL C 68 18.93 -3.99 -13.85
C VAL C 68 18.21 -3.43 -15.08
N ALA C 69 18.72 -2.34 -15.62
CA ALA C 69 18.03 -1.64 -16.70
C ALA C 69 17.89 -2.51 -17.93
N HIS C 70 16.63 -2.67 -18.40
CA HIS C 70 16.31 -3.41 -19.63
C HIS C 70 16.72 -2.65 -20.90
N PRO C 71 17.08 -3.40 -21.96
CA PRO C 71 17.30 -2.78 -23.27
C PRO C 71 16.17 -1.83 -23.70
N MET C 72 16.57 -0.79 -24.43
CA MET C 72 15.61 0.11 -25.05
C MET C 72 16.11 0.36 -26.45
N THR C 73 15.92 -0.64 -27.32
CA THR C 73 16.40 -0.60 -28.71
C THR C 73 15.21 -0.82 -29.65
N PRO C 74 15.34 -0.50 -30.95
CA PRO C 74 14.21 -0.72 -31.85
C PRO C 74 13.69 -2.17 -31.81
N GLU C 75 14.57 -3.12 -31.57
CA GLU C 75 14.25 -4.54 -31.70
C GLU C 75 13.87 -5.14 -30.32
N HIS C 76 14.18 -4.45 -29.25
CA HIS C 76 13.91 -5.05 -27.96
C HIS C 76 13.75 -3.91 -26.93
N TYR C 77 12.52 -3.73 -26.47
CA TYR C 77 12.22 -2.52 -25.70
C TYR C 77 11.03 -2.72 -24.77
N ILE C 78 10.90 -1.85 -23.80
CA ILE C 78 9.74 -1.77 -22.96
C ILE C 78 8.78 -0.74 -23.57
N ALA C 79 7.57 -1.19 -23.86
CA ALA C 79 6.58 -0.40 -24.59
C ALA C 79 5.88 0.58 -23.63
N TRP C 80 5.54 0.11 -22.44
CA TRP C 80 4.73 0.89 -21.51
C TRP C 80 4.83 0.29 -20.11
N VAL C 81 4.44 1.09 -19.16
CA VAL C 81 4.25 0.64 -17.77
C VAL C 81 2.79 0.98 -17.32
N CYS C 82 2.14 0.04 -16.68
CA CYS C 82 0.84 0.28 -16.08
C CYS C 82 1.00 0.27 -14.57
N LEU C 83 0.40 1.21 -13.85
CA LEU C 83 0.41 1.23 -12.41
C LEU C 83 -1.02 1.01 -11.87
N LYS C 84 -1.14 0.13 -10.90
CA LYS C 84 -2.34 -0.04 -10.10
C LYS C 84 -2.12 0.55 -8.75
N THR C 85 -3.09 1.38 -8.36
CA THR C 85 -3.07 2.02 -7.08
C THR C 85 -4.37 1.72 -6.39
N ARG C 86 -4.46 2.11 -5.13
CA ARG C 86 -5.62 1.78 -4.36
C ARG C 86 -6.82 2.45 -4.99
N LYS C 87 -6.63 3.65 -5.54
CA LYS C 87 -7.76 4.41 -6.12
C LYS C 87 -7.98 4.26 -7.58
N GLY C 88 -7.01 3.77 -8.30
CA GLY C 88 -7.18 3.66 -9.74
C GLY C 88 -6.04 3.05 -10.50
N ILE C 89 -6.02 3.31 -11.80
CA ILE C 89 -5.01 2.76 -12.70
C ILE C 89 -4.42 3.85 -13.54
N GLN C 90 -3.17 3.66 -13.90
CA GLN C 90 -2.48 4.55 -14.84
C GLN C 90 -1.68 3.76 -15.84
N LEU C 91 -1.49 4.30 -17.03
CA LEU C 91 -0.64 3.66 -18.02
C LEU C 91 0.08 4.77 -18.84
N LYS C 92 1.40 4.62 -18.89
CA LYS C 92 2.24 5.50 -19.73
C LYS C 92 3.14 4.70 -20.65
N GLU C 93 3.20 5.17 -21.87
CA GLU C 93 4.09 4.62 -22.90
C GLU C 93 5.49 5.12 -22.65
N LEU C 94 6.48 4.31 -23.03
CA LEU C 94 7.88 4.76 -22.91
C LEU C 94 8.44 5.01 -24.29
N PRO C 95 8.98 6.20 -24.47
CA PRO C 95 9.79 6.50 -25.69
C PRO C 95 10.89 5.46 -25.89
N VAL C 96 10.96 4.91 -27.10
CA VAL C 96 11.83 3.78 -27.37
C VAL C 96 13.30 4.13 -27.29
N ASP C 97 13.61 5.42 -27.44
CA ASP C 97 14.99 5.91 -27.35
C ASP C 97 15.32 6.55 -26.00
N GLY C 98 14.48 6.30 -24.99
CA GLY C 98 14.82 6.80 -23.66
C GLY C 98 15.24 5.67 -22.75
N ALA C 99 15.14 5.93 -21.46
CA ALA C 99 15.44 4.95 -20.43
C ALA C 99 14.24 4.05 -20.11
N PRO C 100 14.52 2.83 -19.62
CA PRO C 100 13.45 1.92 -19.21
C PRO C 100 12.90 2.28 -17.81
N GLU C 101 12.37 3.47 -17.72
CA GLU C 101 11.74 3.98 -16.51
C GLU C 101 10.75 5.09 -16.82
N VAL C 102 9.80 5.26 -15.90
CA VAL C 102 8.81 6.27 -16.00
C VAL C 102 8.27 6.54 -14.61
N THR C 103 7.73 7.75 -14.44
CA THR C 103 7.19 8.24 -13.19
C THR C 103 5.72 8.58 -13.35
N PHE C 104 4.96 8.27 -12.30
CA PHE C 104 3.56 8.59 -12.14
C PHE C 104 3.41 9.45 -10.93
N ALA C 105 2.31 10.18 -10.91
CA ALA C 105 1.95 11.00 -9.80
C ALA C 105 0.63 10.55 -9.22
N LEU C 106 0.54 10.62 -7.87
CA LEU C 106 -0.63 10.18 -7.09
C LEU C 106 -1.28 11.27 -6.29
N THR C 107 -2.58 11.20 -6.10
CA THR C 107 -3.26 12.10 -5.14
C THR C 107 -2.87 11.70 -3.72
N ALA C 108 -3.04 12.64 -2.76
CA ALA C 108 -2.64 12.35 -1.41
C ALA C 108 -3.38 11.21 -0.73
N ASP C 109 -4.59 10.91 -1.20
CA ASP C 109 -5.41 9.88 -0.63
C ASP C 109 -5.10 8.49 -1.22
N ASP C 110 -4.18 8.45 -2.18
CA ASP C 110 -3.86 7.23 -2.96
C ASP C 110 -2.55 6.58 -2.50
N GLN C 111 -2.38 5.32 -2.89
CA GLN C 111 -1.21 4.56 -2.54
C GLN C 111 -0.95 3.53 -3.63
N VAL C 112 0.31 3.32 -3.98
CA VAL C 112 0.66 2.35 -5.01
C VAL C 112 0.39 0.92 -4.53
N LEU C 113 -0.06 0.07 -5.46
CA LEU C 113 -0.19 -1.35 -5.18
C LEU C 113 0.79 -2.22 -6.00
N GLU C 114 0.80 -2.07 -7.32
CA GLU C 114 1.57 -3.01 -8.16
C GLU C 114 1.80 -2.31 -9.52
N ALA C 115 2.85 -2.71 -10.21
CA ALA C 115 3.18 -2.19 -11.53
C ALA C 115 3.28 -3.36 -12.48
N TYR C 116 3.04 -3.08 -13.76
CA TYR C 116 3.12 -4.02 -14.88
C TYR C 116 3.94 -3.31 -16.00
N GLU C 117 4.71 -4.07 -16.78
CA GLU C 117 5.39 -3.54 -17.90
C GLU C 117 5.28 -4.57 -19.01
N PHE C 118 5.29 -4.07 -20.23
CA PHE C 118 5.35 -4.92 -21.42
C PHE C 118 6.66 -4.74 -22.19
N CYS C 119 7.30 -5.87 -22.42
CA CYS C 119 8.46 -5.98 -23.30
C CYS C 119 8.03 -6.60 -24.66
N ASN C 120 8.47 -6.06 -25.77
CA ASN C 120 8.06 -6.63 -27.10
C ASN C 120 8.50 -8.08 -27.32
N LEU C 121 9.61 -8.48 -26.69
CA LEU C 121 10.07 -9.86 -26.78
C LEU C 121 9.49 -10.76 -25.68
N HIS C 122 9.42 -10.22 -24.44
CA HIS C 122 9.28 -11.08 -23.28
C HIS C 122 7.95 -10.94 -22.57
N GLY C 123 7.07 -10.14 -23.14
CA GLY C 123 5.72 -10.04 -22.68
C GLY C 123 5.55 -9.19 -21.45
N VAL C 124 4.51 -9.48 -20.71
CA VAL C 124 4.13 -8.63 -19.56
C VAL C 124 4.66 -9.21 -18.26
N TRP C 125 5.14 -8.35 -17.36
CA TRP C 125 5.69 -8.71 -16.08
C TRP C 125 5.10 -7.80 -15.05
N SER C 126 4.84 -8.31 -13.86
CA SER C 126 4.35 -7.46 -12.77
C SER C 126 5.33 -7.50 -11.59
N GLY C 127 5.22 -6.52 -10.73
CA GLY C 127 6.02 -6.49 -9.50
C GLY C 127 5.50 -5.40 -8.54
N LYS C 128 5.81 -5.51 -7.26
CA LYS C 128 5.45 -4.48 -6.25
C LYS C 128 6.66 -3.70 -5.68
N GLY D 2 -3.41 8.42 -32.99
CA GLY D 2 -3.57 9.69 -32.19
C GLY D 2 -3.89 9.38 -30.73
N ARG D 3 -3.57 8.15 -30.31
CA ARG D 3 -3.84 7.66 -28.93
C ARG D 3 -5.30 7.86 -28.56
N GLU D 4 -6.18 7.39 -29.44
CA GLU D 4 -7.59 7.56 -29.25
C GLU D 4 -8.09 6.49 -28.32
N LEU D 5 -8.91 6.90 -27.36
CA LEU D 5 -9.50 5.95 -26.41
C LEU D 5 -10.86 5.53 -26.86
N SER D 6 -11.17 4.28 -26.60
CA SER D 6 -12.50 3.71 -26.80
C SER D 6 -12.82 2.84 -25.62
N PHE D 7 -14.10 2.54 -25.46
CA PHE D 7 -14.62 1.89 -24.27
C PHE D 7 -15.59 0.80 -24.64
N PHE D 8 -15.40 -0.36 -24.01
CA PHE D 8 -16.18 -1.58 -24.24
C PHE D 8 -16.69 -2.06 -22.90
N LEU D 9 -18.04 -2.00 -22.67
CA LEU D 9 -18.62 -2.14 -21.36
C LEU D 9 -19.54 -3.35 -21.30
N GLN D 10 -19.23 -4.29 -20.42
CA GLN D 10 -20.12 -5.43 -20.23
C GLN D 10 -21.40 -4.93 -19.56
N LYS D 11 -22.49 -5.60 -19.88
CA LYS D 11 -23.82 -5.26 -19.40
C LYS D 11 -24.28 -6.36 -18.50
N GLU D 12 -24.07 -7.60 -18.93
CA GLU D 12 -24.34 -8.78 -18.10
C GLU D 12 -23.36 -9.05 -16.95
N SER D 13 -22.32 -8.23 -16.84
CA SER D 13 -21.35 -8.35 -15.76
C SER D 13 -20.58 -7.02 -15.65
N ALA D 14 -19.67 -6.95 -14.69
CA ALA D 14 -19.09 -5.67 -14.31
C ALA D 14 -17.76 -5.37 -15.04
N GLY D 15 -17.09 -6.35 -15.63
CA GLY D 15 -15.84 -6.07 -16.33
C GLY D 15 -15.99 -5.12 -17.51
N PHE D 16 -14.92 -4.39 -17.82
CA PHE D 16 -14.87 -3.54 -18.97
C PHE D 16 -13.46 -3.37 -19.53
N PHE D 17 -13.40 -2.75 -20.70
CA PHE D 17 -12.18 -2.68 -21.45
C PHE D 17 -11.96 -1.27 -21.97
N LEU D 18 -10.69 -0.84 -21.95
CA LEU D 18 -10.29 0.45 -22.52
C LEU D 18 -9.45 0.10 -23.75
N GLY D 19 -9.81 0.62 -24.90
CA GLY D 19 -9.02 0.47 -26.13
C GLY D 19 -8.19 1.73 -26.41
N MET D 20 -6.94 1.52 -26.79
CA MET D 20 -6.05 2.59 -27.23
C MET D 20 -5.70 2.31 -28.68
N ASP D 21 -6.14 3.25 -29.52
CA ASP D 21 -6.04 3.14 -30.96
C ASP D 21 -6.65 1.83 -31.47
N ALA D 22 -7.83 1.51 -30.95
CA ALA D 22 -8.59 0.39 -31.47
C ALA D 22 -9.05 0.73 -32.88
N PRO D 23 -8.83 -0.17 -33.83
CA PRO D 23 -9.38 -0.01 -35.17
C PRO D 23 -10.89 0.10 -35.16
N ALA D 24 -11.46 0.87 -36.06
CA ALA D 24 -12.94 0.92 -36.16
C ALA D 24 -13.49 -0.48 -36.32
N GLY D 25 -14.63 -0.69 -35.70
CA GLY D 25 -15.32 -1.97 -35.73
C GLY D 25 -14.72 -3.10 -34.90
N SER D 26 -13.79 -2.73 -34.02
CA SER D 26 -13.30 -3.66 -33.02
C SER D 26 -14.42 -4.20 -32.14
N SER D 27 -14.25 -5.44 -31.69
CA SER D 27 -15.25 -6.06 -30.81
C SER D 27 -14.54 -6.87 -29.75
N VAL D 28 -15.20 -7.04 -28.62
CA VAL D 28 -14.66 -7.83 -27.53
C VAL D 28 -15.71 -8.90 -27.18
N ALA D 29 -15.31 -10.16 -27.23
CA ALA D 29 -16.19 -11.26 -26.80
C ALA D 29 -15.80 -11.59 -25.41
N CYS D 30 -16.76 -11.55 -24.53
CA CYS D 30 -16.51 -11.91 -23.13
C CYS D 30 -17.77 -12.48 -22.54
N GLY D 31 -17.63 -13.58 -21.82
CA GLY D 31 -18.79 -14.30 -21.37
C GLY D 31 -19.70 -14.62 -22.53
N SER D 32 -20.98 -14.25 -22.47
CA SER D 32 -21.90 -14.53 -23.56
C SER D 32 -22.10 -13.33 -24.49
N GLU D 33 -21.36 -12.27 -24.27
CA GLU D 33 -21.62 -11.03 -24.92
C GLU D 33 -20.57 -10.76 -26.02
N VAL D 34 -20.94 -9.94 -27.00
CA VAL D 34 -20.01 -9.33 -27.93
C VAL D 34 -20.15 -7.79 -27.83
N LEU D 35 -19.08 -7.10 -27.47
CA LEU D 35 -19.14 -5.69 -27.14
C LEU D 35 -18.52 -4.92 -28.27
N ARG D 36 -19.12 -3.80 -28.62
CA ARG D 36 -18.54 -2.87 -29.57
C ARG D 36 -18.33 -1.55 -28.84
N ALA D 37 -17.53 -0.67 -29.44
CA ALA D 37 -17.18 0.58 -28.79
C ALA D 37 -18.46 1.36 -28.54
N VAL D 38 -18.51 1.97 -27.35
CA VAL D 38 -19.65 2.77 -26.97
C VAL D 38 -19.44 4.17 -27.56
N PRO D 39 -20.50 4.79 -27.98
CA PRO D 39 -20.42 6.17 -28.50
C PRO D 39 -20.04 7.11 -27.38
N VAL D 40 -19.30 8.14 -27.66
CA VAL D 40 -18.88 9.07 -26.60
C VAL D 40 -19.62 10.38 -26.90
N GLY D 41 -20.47 10.79 -25.96
CA GLY D 41 -21.24 12.01 -26.12
C GLY D 41 -20.40 13.21 -25.78
N THR D 42 -20.70 14.33 -26.43
CA THR D 42 -19.92 15.58 -26.27
C THR D 42 -20.70 16.82 -25.96
N VAL D 43 -22.01 16.77 -26.14
CA VAL D 43 -22.84 17.95 -25.87
C VAL D 43 -24.02 17.49 -25.04
N ASP D 44 -24.21 18.13 -23.87
CA ASP D 44 -25.38 17.84 -23.03
C ASP D 44 -26.65 18.38 -23.71
N LYS D 49 -26.25 17.14 -16.23
CA LYS D 49 -25.00 17.35 -16.93
C LYS D 49 -24.14 16.08 -16.85
N HIS D 50 -23.82 15.51 -18.03
CA HIS D 50 -22.94 14.34 -18.17
C HIS D 50 -21.53 14.72 -18.64
N ILE D 51 -21.38 15.93 -19.18
CA ILE D 51 -20.10 16.38 -19.72
C ILE D 51 -19.18 16.69 -18.55
N PRO D 52 -18.04 16.00 -18.46
CA PRO D 52 -17.09 16.27 -17.38
C PRO D 52 -16.49 17.69 -17.45
N VAL D 53 -16.32 18.35 -16.31
CA VAL D 53 -15.71 19.69 -16.25
C VAL D 53 -14.30 19.67 -15.62
N VAL D 54 -13.31 20.17 -16.35
CA VAL D 54 -11.91 19.86 -16.04
C VAL D 54 -11.24 21.12 -15.51
N GLU D 55 -10.70 21.03 -14.32
CA GLU D 55 -9.99 22.18 -13.78
C GLU D 55 -8.64 21.76 -13.25
N VAL D 56 -7.61 22.52 -13.64
CA VAL D 56 -6.20 22.23 -13.36
C VAL D 56 -5.63 23.21 -12.39
N HIS D 57 -4.99 22.66 -11.36
CA HIS D 57 -4.18 23.43 -10.45
C HIS D 57 -2.77 22.84 -10.36
N GLY D 58 -1.71 23.67 -10.72
CA GLY D 58 -0.36 23.12 -10.76
C GLY D 58 -0.39 21.80 -11.56
N HIS D 59 -0.14 20.67 -10.86
CA HIS D 59 -0.10 19.34 -11.47
C HIS D 59 -1.26 18.38 -11.01
N GLU D 60 -2.32 18.94 -10.45
CA GLU D 60 -3.53 18.15 -10.19
C GLU D 60 -4.68 18.52 -11.13
N VAL D 61 -5.49 17.53 -11.49
CA VAL D 61 -6.66 17.77 -12.38
C VAL D 61 -7.92 17.23 -11.70
N LYS D 62 -8.87 18.09 -11.37
CA LYS D 62 -10.15 17.69 -10.75
C LYS D 62 -11.12 17.63 -11.89
N VAL D 63 -11.83 16.53 -11.96
CA VAL D 63 -12.92 16.36 -12.92
C VAL D 63 -14.25 16.28 -12.17
N LYS D 64 -15.24 17.10 -12.55
CA LYS D 64 -16.59 17.09 -11.92
C LYS D 64 -17.64 16.78 -12.97
N VAL D 65 -18.66 16.00 -12.62
CA VAL D 65 -19.59 15.46 -13.63
C VAL D 65 -20.85 16.12 -13.17
N GLY D 66 -21.17 17.19 -13.91
CA GLY D 66 -21.76 18.37 -13.41
C GLY D 66 -20.97 19.64 -13.62
N SER D 67 -21.31 20.40 -14.68
CA SER D 67 -21.41 21.85 -14.43
C SER D 67 -22.47 21.86 -13.34
N VAL D 68 -23.51 21.03 -13.50
CA VAL D 68 -24.40 20.68 -12.39
C VAL D 68 -24.10 19.27 -11.94
N ALA D 69 -23.80 19.10 -10.65
CA ALA D 69 -23.47 17.79 -10.09
C ALA D 69 -24.52 16.75 -10.48
N HIS D 70 -24.04 15.68 -11.14
CA HIS D 70 -24.82 14.51 -11.59
C HIS D 70 -25.20 13.62 -10.43
N PRO D 71 -26.34 12.93 -10.51
CA PRO D 71 -26.69 11.91 -9.51
C PRO D 71 -25.59 10.89 -9.15
N MET D 72 -25.55 10.55 -7.84
CA MET D 72 -24.85 9.38 -7.32
C MET D 72 -25.70 8.55 -6.36
N THR D 73 -26.32 7.49 -6.91
CA THR D 73 -27.15 6.56 -6.15
C THR D 73 -26.90 5.14 -6.67
N PRO D 74 -27.38 4.11 -5.97
CA PRO D 74 -27.26 2.72 -6.49
C PRO D 74 -27.94 2.44 -7.86
N GLU D 75 -29.01 3.17 -8.21
CA GLU D 75 -29.70 2.96 -9.48
C GLU D 75 -29.13 3.78 -10.66
N HIS D 76 -28.56 4.94 -10.33
CA HIS D 76 -28.10 5.92 -11.32
C HIS D 76 -26.87 6.65 -10.79
N TYR D 77 -25.69 6.33 -11.34
CA TYR D 77 -24.45 6.86 -10.79
C TYR D 77 -23.36 6.94 -11.85
N ILE D 78 -22.40 7.83 -11.60
CA ILE D 78 -21.18 7.84 -12.38
C ILE D 78 -20.23 6.78 -11.82
N ALA D 79 -19.89 5.82 -12.68
CA ALA D 79 -19.18 4.62 -12.27
C ALA D 79 -17.68 4.89 -12.21
N TRP D 80 -17.21 5.71 -13.15
CA TRP D 80 -15.79 6.02 -13.28
C TRP D 80 -15.51 7.27 -14.13
N VAL D 81 -14.29 7.78 -13.97
CA VAL D 81 -13.76 8.85 -14.77
C VAL D 81 -12.41 8.43 -15.31
N CYS D 82 -12.19 8.70 -16.60
CA CYS D 82 -10.93 8.42 -17.28
C CYS D 82 -10.32 9.74 -17.72
N LEU D 83 -9.03 9.91 -17.52
CA LEU D 83 -8.26 11.03 -18.03
C LEU D 83 -7.25 10.63 -19.05
N LYS D 84 -7.26 11.37 -20.17
CA LYS D 84 -6.21 11.23 -21.17
C LYS D 84 -5.24 12.40 -21.00
N THR D 85 -3.95 12.14 -20.96
CA THR D 85 -2.92 13.20 -20.92
C THR D 85 -1.92 12.96 -22.02
N ARG D 86 -0.97 13.92 -22.23
CA ARG D 86 0.05 13.71 -23.28
C ARG D 86 0.91 12.48 -23.07
N LYS D 87 1.17 12.12 -21.79
CA LYS D 87 2.14 11.07 -21.49
C LYS D 87 1.44 9.77 -21.12
N GLY D 88 0.13 9.81 -20.85
CA GLY D 88 -0.56 8.58 -20.51
C GLY D 88 -2.05 8.66 -20.31
N ILE D 89 -2.62 7.66 -19.62
CA ILE D 89 -4.03 7.62 -19.27
C ILE D 89 -4.14 7.27 -17.77
N GLN D 90 -5.28 7.61 -17.23
CA GLN D 90 -5.69 7.26 -15.87
C GLN D 90 -7.16 6.93 -15.81
N LEU D 91 -7.54 6.08 -14.87
CA LEU D 91 -8.93 5.76 -14.62
C LEU D 91 -9.10 5.57 -13.13
N LYS D 92 -10.14 6.19 -12.60
CA LYS D 92 -10.58 6.03 -11.20
C LYS D 92 -12.04 5.75 -11.14
N GLU D 93 -12.40 4.65 -10.47
CA GLU D 93 -13.80 4.35 -10.14
C GLU D 93 -14.27 5.22 -9.01
N LEU D 94 -15.50 5.67 -9.08
CA LEU D 94 -16.08 6.53 -8.04
C LEU D 94 -16.85 5.68 -7.02
N PRO D 95 -16.62 5.93 -5.76
CA PRO D 95 -17.51 5.42 -4.70
C PRO D 95 -18.97 5.86 -4.95
N VAL D 96 -19.86 4.89 -5.06
CA VAL D 96 -21.27 5.14 -5.37
C VAL D 96 -21.97 6.09 -4.37
N ASP D 97 -21.37 6.20 -3.17
CA ASP D 97 -21.95 6.88 -2.02
C ASP D 97 -21.47 8.33 -1.79
N GLY D 98 -20.63 8.88 -2.67
CA GLY D 98 -20.10 10.25 -2.49
C GLY D 98 -20.50 11.22 -3.60
N ALA D 99 -19.63 12.24 -3.82
CA ALA D 99 -19.79 13.22 -4.93
C ALA D 99 -19.35 12.64 -6.34
N PRO D 100 -19.95 13.18 -7.41
CA PRO D 100 -19.55 12.84 -8.79
C PRO D 100 -18.32 13.66 -9.19
N GLU D 101 -17.19 13.45 -8.52
CA GLU D 101 -16.00 14.24 -8.81
C GLU D 101 -14.80 13.42 -8.37
N VAL D 102 -13.66 13.54 -9.04
CA VAL D 102 -12.46 12.83 -8.63
C VAL D 102 -11.27 13.66 -9.12
N THR D 103 -10.14 13.58 -8.42
CA THR D 103 -8.92 14.26 -8.79
C THR D 103 -7.84 13.27 -9.23
N PHE D 104 -7.08 13.70 -10.22
CA PHE D 104 -5.93 12.99 -10.76
C PHE D 104 -4.66 13.81 -10.58
N ALA D 105 -3.53 13.16 -10.37
CA ALA D 105 -2.26 13.86 -10.31
C ALA D 105 -1.40 13.56 -11.50
N LEU D 106 -0.73 14.60 -12.04
CA LEU D 106 0.19 14.45 -13.14
C LEU D 106 1.61 14.72 -12.74
N THR D 107 2.57 14.21 -13.52
CA THR D 107 3.95 14.61 -13.40
C THR D 107 4.18 15.96 -14.13
N ALA D 108 5.27 16.62 -13.80
CA ALA D 108 5.49 17.97 -14.34
C ALA D 108 5.58 18.06 -15.86
N ASP D 109 6.08 17.00 -16.50
CA ASP D 109 6.26 16.94 -17.92
C ASP D 109 4.96 16.62 -18.67
N ASP D 110 3.91 16.34 -17.93
CA ASP D 110 2.66 15.87 -18.52
C ASP D 110 1.62 16.99 -18.55
N GLN D 111 0.65 16.86 -19.45
CA GLN D 111 -0.53 17.71 -19.41
C GLN D 111 -1.77 17.00 -19.89
N VAL D 112 -2.86 17.45 -19.29
CA VAL D 112 -4.18 16.94 -19.56
C VAL D 112 -4.65 17.27 -20.98
N LEU D 113 -5.34 16.32 -21.57
CA LEU D 113 -5.95 16.43 -22.90
C LEU D 113 -7.47 16.36 -22.85
N GLU D 114 -8.03 15.39 -22.16
CA GLU D 114 -9.45 15.15 -22.25
C GLU D 114 -9.84 14.24 -21.12
N ALA D 115 -11.06 14.43 -20.62
CA ALA D 115 -11.70 13.51 -19.65
C ALA D 115 -12.92 12.81 -20.20
N TYR D 116 -13.23 11.66 -19.59
CA TYR D 116 -14.38 10.81 -20.00
C TYR D 116 -15.01 10.29 -18.71
N GLU D 117 -16.32 10.22 -18.71
CA GLU D 117 -17.04 9.63 -17.62
C GLU D 117 -18.12 8.64 -18.12
N PHE D 118 -18.34 7.56 -17.36
CA PHE D 118 -19.37 6.56 -17.65
C PHE D 118 -20.53 6.60 -16.63
N CYS D 119 -21.73 6.90 -17.11
CA CYS D 119 -22.98 6.80 -16.33
C CYS D 119 -23.57 5.43 -16.56
N ASN D 120 -23.93 4.71 -15.51
CA ASN D 120 -24.42 3.34 -15.73
C ASN D 120 -25.66 3.28 -16.61
N LEU D 121 -26.44 4.36 -16.57
CA LEU D 121 -27.62 4.51 -17.42
C LEU D 121 -27.36 5.19 -18.73
N HIS D 122 -26.43 6.15 -18.79
CA HIS D 122 -26.41 7.09 -19.95
C HIS D 122 -25.16 7.05 -20.81
N GLY D 123 -24.21 6.19 -20.48
CA GLY D 123 -23.12 5.87 -21.38
C GLY D 123 -21.93 6.77 -21.12
N VAL D 124 -21.05 6.91 -22.10
CA VAL D 124 -19.79 7.66 -21.90
C VAL D 124 -19.90 9.04 -22.51
N TRP D 125 -19.31 10.01 -21.84
CA TRP D 125 -19.29 11.41 -22.22
C TRP D 125 -17.90 12.01 -22.03
N SER D 126 -17.46 12.87 -22.94
CA SER D 126 -16.15 13.46 -22.88
C SER D 126 -16.22 14.97 -22.76
N GLY D 127 -15.16 15.55 -22.20
CA GLY D 127 -14.99 16.99 -22.20
C GLY D 127 -13.58 17.39 -21.90
N LYS D 128 -13.21 18.61 -22.28
CA LYS D 128 -11.84 19.11 -22.15
C LYS D 128 -11.76 20.23 -21.11
FE FE E . -2.77 17.27 21.80
MG MG F . 9.37 -2.42 -2.27
FE FE G . 3.77 3.57 -0.29
FE FE H . 11.00 -24.49 19.17
FE FE I . 12.74 -8.12 -22.67
MG MG J . -1.43 9.98 1.57
FE FE K . -26.91 9.83 -16.16
#